data_2KGX
#
_entry.id   2KGX
#
loop_
_entity.id
_entity.type
_entity.pdbx_description
1 polymer Talin-1
2 polymer 'MKIAA1027 protein'
#
loop_
_entity_poly.entity_id
_entity_poly.type
_entity_poly.pdbx_seq_one_letter_code
_entity_poly.pdbx_strand_id
1 'polypeptide(L)'
;GIDPFTAPGQLECETAIAALNSCLRDLDQASLAAVSQQLAPREGISQEALHTQMLTAVQEISHLIEPLASAARAEASQLG
HKVSQMAQYFEPLTLAAVGAASKTLSHPQQMALLDQTKTLAESALQLLYTAKEAGGNPKQAAHTQEALEEAVQMMTEAVE
DLTTTLNEAASAAG
;
A
2 'polypeptide(L)'
;SFFLVKEKMKGKNKLVPRLLGITKESVMRVDEKTKEVIQEWSLTNIKRWAASPKSFTLDFGDYQDGYYSVQTTEGEQIAQ
LIAGYIDIILK
;
B
#
# COMPACT_ATOMS: atom_id res chain seq x y z
N GLY A 1 18.06 -8.29 -15.96
CA GLY A 1 17.31 -8.71 -17.17
C GLY A 1 17.82 -10.03 -17.73
N ILE A 2 17.85 -11.05 -16.89
CA ILE A 2 18.31 -12.36 -17.33
C ILE A 2 17.14 -13.34 -17.36
N ASP A 3 17.19 -14.30 -18.28
CA ASP A 3 16.18 -15.35 -18.34
C ASP A 3 16.76 -16.65 -17.81
N PRO A 4 16.46 -16.96 -16.55
CA PRO A 4 16.89 -18.21 -15.93
C PRO A 4 15.86 -19.31 -16.11
N PHE A 5 14.76 -18.99 -16.77
CA PHE A 5 13.68 -19.94 -16.95
C PHE A 5 13.69 -20.53 -18.35
N THR A 6 12.99 -19.92 -19.30
CA THR A 6 12.90 -20.50 -20.64
C THR A 6 11.89 -19.80 -21.54
N ALA A 7 11.67 -18.51 -21.33
CA ALA A 7 10.61 -17.83 -22.09
C ALA A 7 10.87 -16.34 -22.21
N PRO A 8 10.23 -15.69 -23.20
CA PRO A 8 10.16 -14.24 -23.28
C PRO A 8 9.29 -13.70 -22.15
N GLY A 9 9.65 -12.54 -21.62
CA GLY A 9 8.93 -12.00 -20.50
C GLY A 9 9.77 -12.02 -19.24
N GLN A 10 10.52 -13.11 -19.06
CA GLN A 10 11.48 -13.22 -17.96
C GLN A 10 12.40 -12.00 -17.94
N LEU A 11 12.85 -11.60 -19.12
CA LEU A 11 13.65 -10.39 -19.29
C LEU A 11 12.86 -9.14 -18.88
N GLU A 12 11.70 -8.96 -19.49
CA GLU A 12 10.89 -7.75 -19.31
C GLU A 12 10.50 -7.56 -17.84
N CYS A 13 10.18 -8.65 -17.17
CA CYS A 13 9.75 -8.58 -15.79
C CYS A 13 10.89 -8.12 -14.87
N GLU A 14 12.08 -8.65 -15.11
CA GLU A 14 13.23 -8.33 -14.25
C GLU A 14 13.72 -6.91 -14.50
N THR A 15 13.64 -6.47 -15.75
CA THR A 15 14.02 -5.11 -16.11
C THR A 15 13.04 -4.11 -15.53
N ALA A 16 11.76 -4.47 -15.50
CA ALA A 16 10.74 -3.64 -14.90
C ALA A 16 10.84 -3.67 -13.38
N ILE A 17 11.21 -4.83 -12.83
CA ILE A 17 11.44 -4.97 -11.40
C ILE A 17 12.47 -3.96 -10.91
N ALA A 18 13.51 -3.74 -11.70
CA ALA A 18 14.54 -2.78 -11.36
C ALA A 18 13.98 -1.36 -11.28
N ALA A 19 13.07 -1.04 -12.19
CA ALA A 19 12.46 0.27 -12.24
C ALA A 19 11.45 0.44 -11.12
N LEU A 20 10.61 -0.59 -10.97
CA LEU A 20 9.56 -0.58 -9.97
C LEU A 20 10.18 -0.56 -8.57
N ASN A 21 11.28 -1.26 -8.40
CA ASN A 21 11.98 -1.28 -7.12
C ASN A 21 12.44 0.13 -6.77
N SER A 22 12.89 0.85 -7.79
CA SER A 22 13.36 2.21 -7.62
C SER A 22 12.24 3.13 -7.15
N CYS A 23 11.02 2.93 -7.66
CA CYS A 23 9.90 3.79 -7.28
C CYS A 23 9.33 3.37 -5.93
N LEU A 24 9.59 2.11 -5.54
CA LEU A 24 9.20 1.64 -4.23
C LEU A 24 10.02 2.32 -3.15
N ARG A 25 11.32 2.42 -3.40
CA ARG A 25 12.23 3.08 -2.48
C ARG A 25 11.88 4.56 -2.35
N ASP A 26 11.55 5.18 -3.48
CA ASP A 26 11.19 6.60 -3.50
C ASP A 26 9.94 6.83 -2.65
N LEU A 27 8.91 5.98 -2.86
CA LEU A 27 7.66 6.09 -2.12
C LEU A 27 7.84 5.69 -0.65
N ASP A 28 8.82 4.83 -0.39
CA ASP A 28 9.12 4.37 0.95
C ASP A 28 9.71 5.49 1.80
N GLN A 29 10.58 6.28 1.19
CA GLN A 29 11.23 7.38 1.88
C GLN A 29 10.37 8.64 1.81
N ALA A 30 9.38 8.63 0.90
CA ALA A 30 8.47 9.74 0.75
C ALA A 30 7.39 9.70 1.83
N SER A 31 7.26 8.53 2.46
CA SER A 31 6.27 8.35 3.52
C SER A 31 6.67 9.19 4.73
N LEU A 32 7.98 9.26 4.98
CA LEU A 32 8.52 10.04 6.07
C LEU A 32 9.00 11.41 5.60
N ALA A 33 9.14 11.56 4.28
CA ALA A 33 9.55 12.82 3.69
C ALA A 33 8.43 13.84 3.67
N ALA A 34 7.23 13.40 3.27
CA ALA A 34 6.07 14.29 3.18
C ALA A 34 5.58 14.78 4.54
N VAL A 35 5.79 13.98 5.58
CA VAL A 35 5.35 14.34 6.93
C VAL A 35 6.32 15.28 7.64
N SER A 36 7.55 15.36 7.13
CA SER A 36 8.56 16.21 7.75
C SER A 36 8.75 17.50 6.95
N GLN A 37 7.80 17.78 6.05
CA GLN A 37 7.82 18.99 5.23
C GLN A 37 9.07 19.06 4.35
N GLN A 38 9.58 17.90 3.97
CA GLN A 38 10.79 17.83 3.14
C GLN A 38 10.45 17.51 1.70
N LEU A 39 9.19 17.65 1.34
CA LEU A 39 8.72 17.31 0.01
C LEU A 39 8.17 18.55 -0.69
N ALA A 40 8.45 18.69 -1.98
CA ALA A 40 7.95 19.81 -2.77
C ALA A 40 6.56 19.50 -3.32
N PRO A 41 5.66 20.50 -3.31
CA PRO A 41 4.26 20.34 -3.76
C PRO A 41 4.15 19.80 -5.18
N ARG A 42 3.69 18.56 -5.30
CA ARG A 42 3.56 17.80 -6.57
C ARG A 42 4.74 17.97 -7.53
N GLU A 43 4.58 17.44 -8.74
CA GLU A 43 5.58 17.58 -9.78
C GLU A 43 5.13 18.61 -10.81
N GLY A 44 3.88 18.48 -11.26
CA GLY A 44 3.31 19.43 -12.20
C GLY A 44 1.86 19.13 -12.49
N ILE A 45 1.00 19.34 -11.49
CA ILE A 45 -0.41 19.02 -11.62
C ILE A 45 -1.22 19.71 -10.51
N SER A 46 -2.52 19.92 -10.74
CA SER A 46 -3.40 20.53 -9.75
C SER A 46 -4.00 19.47 -8.82
N GLN A 47 -4.89 19.90 -7.92
CA GLN A 47 -5.42 19.03 -6.88
C GLN A 47 -6.48 18.06 -7.42
N GLU A 48 -7.46 18.58 -8.15
CA GLU A 48 -8.53 17.74 -8.69
C GLU A 48 -8.00 16.90 -9.84
N ALA A 49 -6.96 17.39 -10.49
CA ALA A 49 -6.35 16.68 -11.59
C ALA A 49 -5.61 15.44 -11.07
N LEU A 50 -5.20 15.49 -9.82
CA LEU A 50 -4.62 14.33 -9.16
C LEU A 50 -5.63 13.19 -9.11
N HIS A 51 -6.83 13.52 -8.64
CA HIS A 51 -7.95 12.58 -8.63
C HIS A 51 -8.19 12.06 -10.04
N THR A 52 -8.07 12.93 -11.04
CA THR A 52 -8.23 12.53 -12.43
C THR A 52 -7.12 11.56 -12.86
N GLN A 53 -5.87 12.01 -12.74
CA GLN A 53 -4.71 11.25 -13.21
C GLN A 53 -4.61 9.88 -12.53
N MET A 54 -4.71 9.89 -11.21
CA MET A 54 -4.52 8.67 -10.44
C MET A 54 -5.64 7.67 -10.72
N LEU A 55 -6.89 8.12 -10.63
CA LEU A 55 -8.05 7.24 -10.81
C LEU A 55 -8.05 6.65 -12.22
N THR A 56 -7.78 7.47 -13.23
CA THR A 56 -7.76 7.01 -14.61
C THR A 56 -6.72 5.90 -14.79
N ALA A 57 -5.55 6.09 -14.18
CA ALA A 57 -4.49 5.09 -14.25
C ALA A 57 -4.90 3.80 -13.55
N VAL A 58 -5.38 3.92 -12.32
CA VAL A 58 -5.75 2.77 -11.49
C VAL A 58 -6.75 1.86 -12.21
N GLN A 59 -7.79 2.46 -12.78
CA GLN A 59 -8.79 1.71 -13.53
C GLN A 59 -8.15 0.89 -14.64
N GLU A 60 -7.31 1.52 -15.44
CA GLU A 60 -6.66 0.85 -16.55
C GLU A 60 -5.64 -0.17 -16.07
N ILE A 61 -5.08 0.05 -14.89
CA ILE A 61 -4.22 -0.95 -14.27
C ILE A 61 -5.03 -2.21 -13.99
N SER A 62 -6.09 -2.06 -13.20
CA SER A 62 -6.99 -3.17 -12.87
C SER A 62 -7.45 -3.87 -14.14
N HIS A 63 -7.75 -3.05 -15.15
CA HIS A 63 -8.20 -3.53 -16.45
C HIS A 63 -7.21 -4.55 -17.01
N LEU A 64 -5.92 -4.29 -16.85
CA LEU A 64 -4.89 -5.15 -17.40
C LEU A 64 -4.44 -6.22 -16.39
N ILE A 65 -4.76 -6.02 -15.11
CA ILE A 65 -4.32 -6.95 -14.07
C ILE A 65 -4.89 -8.34 -14.32
N GLU A 66 -6.18 -8.40 -14.66
CA GLU A 66 -6.82 -9.69 -14.91
C GLU A 66 -6.19 -10.42 -16.10
N PRO A 67 -6.08 -9.79 -17.29
CA PRO A 67 -5.41 -10.39 -18.45
C PRO A 67 -3.95 -10.70 -18.19
N LEU A 68 -3.31 -9.96 -17.27
CA LEU A 68 -1.92 -10.23 -16.93
C LEU A 68 -1.85 -11.51 -16.10
N ALA A 69 -2.77 -11.67 -15.16
CA ALA A 69 -2.82 -12.88 -14.35
C ALA A 69 -2.95 -14.12 -15.23
N SER A 70 -3.83 -14.02 -16.22
CA SER A 70 -4.01 -15.09 -17.20
C SER A 70 -2.73 -15.29 -18.00
N ALA A 71 -2.03 -14.20 -18.29
CA ALA A 71 -0.84 -14.23 -19.10
C ALA A 71 0.35 -14.80 -18.32
N ALA A 72 0.49 -14.36 -17.09
CA ALA A 72 1.62 -14.77 -16.26
C ALA A 72 1.67 -16.27 -16.09
N ARG A 73 0.52 -16.91 -16.03
CA ARG A 73 0.48 -18.35 -15.80
C ARG A 73 0.61 -19.15 -17.10
N ALA A 74 0.45 -18.50 -18.26
CA ALA A 74 0.41 -19.25 -19.51
C ALA A 74 0.80 -18.41 -20.73
N GLU A 75 0.17 -17.26 -20.92
CA GLU A 75 0.45 -16.41 -22.09
C GLU A 75 1.81 -15.75 -21.98
N ALA A 76 2.85 -16.46 -22.41
CA ALA A 76 4.21 -15.96 -22.28
C ALA A 76 4.45 -14.75 -23.19
N SER A 77 4.05 -14.88 -24.44
CA SER A 77 4.28 -13.83 -25.44
C SER A 77 3.37 -12.63 -25.19
N GLN A 78 2.31 -12.84 -24.44
CA GLN A 78 1.33 -11.81 -24.18
C GLN A 78 1.62 -11.13 -22.87
N LEU A 79 2.18 -11.90 -21.95
CA LEU A 79 2.53 -11.42 -20.62
C LEU A 79 3.37 -10.16 -20.68
N GLY A 80 4.42 -10.20 -21.50
CA GLY A 80 5.29 -9.05 -21.65
C GLY A 80 4.52 -7.79 -22.02
N HIS A 81 3.49 -7.96 -22.84
CA HIS A 81 2.66 -6.84 -23.27
C HIS A 81 1.86 -6.28 -22.09
N LYS A 82 1.40 -7.17 -21.20
CA LYS A 82 0.64 -6.75 -20.04
C LYS A 82 1.56 -6.00 -19.08
N VAL A 83 2.76 -6.54 -18.90
CA VAL A 83 3.76 -5.95 -18.00
C VAL A 83 4.10 -4.53 -18.42
N SER A 84 4.31 -4.33 -19.72
CA SER A 84 4.60 -3.02 -20.27
C SER A 84 3.53 -2.02 -19.84
N GLN A 85 2.28 -2.45 -19.92
CA GLN A 85 1.15 -1.60 -19.57
C GLN A 85 1.09 -1.32 -18.08
N MET A 86 1.25 -2.35 -17.27
CA MET A 86 1.09 -2.21 -15.83
C MET A 86 2.15 -1.26 -15.25
N ALA A 87 3.38 -1.42 -15.70
CA ALA A 87 4.50 -0.67 -15.13
C ALA A 87 4.39 0.81 -15.45
N GLN A 88 3.90 1.12 -16.65
CA GLN A 88 3.88 2.49 -17.12
C GLN A 88 2.84 3.32 -16.36
N TYR A 89 1.72 2.72 -15.98
CA TYR A 89 0.67 3.44 -15.25
C TYR A 89 1.10 3.75 -13.82
N PHE A 90 1.96 2.92 -13.26
CA PHE A 90 2.40 3.10 -11.89
C PHE A 90 3.35 4.28 -11.74
N GLU A 91 4.01 4.67 -12.83
CA GLU A 91 4.92 5.81 -12.76
C GLU A 91 4.17 7.11 -12.43
N PRO A 92 3.16 7.53 -13.22
CA PRO A 92 2.36 8.71 -12.89
C PRO A 92 1.66 8.57 -11.55
N LEU A 93 1.25 7.36 -11.20
CA LEU A 93 0.63 7.12 -9.90
C LEU A 93 1.56 7.52 -8.78
N THR A 94 2.81 7.08 -8.88
CA THR A 94 3.84 7.47 -7.93
C THR A 94 3.96 8.99 -7.90
N LEU A 95 4.20 9.60 -9.06
CA LEU A 95 4.35 11.05 -9.18
C LEU A 95 3.13 11.78 -8.60
N ALA A 96 1.95 11.33 -9.00
CA ALA A 96 0.69 11.93 -8.58
C ALA A 96 0.49 11.76 -7.07
N ALA A 97 0.82 10.60 -6.56
CA ALA A 97 0.69 10.32 -5.13
C ALA A 97 1.63 11.19 -4.32
N VAL A 98 2.88 11.27 -4.77
CA VAL A 98 3.86 12.13 -4.11
C VAL A 98 3.42 13.59 -4.21
N GLY A 99 2.79 13.92 -5.33
CA GLY A 99 2.18 15.23 -5.48
C GLY A 99 1.13 15.49 -4.42
N ALA A 100 0.15 14.60 -4.35
CA ALA A 100 -0.93 14.71 -3.36
C ALA A 100 -0.38 14.74 -1.95
N ALA A 101 0.69 13.98 -1.72
CA ALA A 101 1.35 13.95 -0.41
C ALA A 101 1.72 15.35 0.06
N SER A 102 2.51 16.03 -0.73
CA SER A 102 3.03 17.31 -0.32
C SER A 102 2.02 18.44 -0.55
N LYS A 103 1.08 18.21 -1.46
CA LYS A 103 0.17 19.26 -1.90
C LYS A 103 -1.12 19.27 -1.07
N THR A 104 -1.64 18.10 -0.76
CA THR A 104 -2.86 18.00 0.03
C THR A 104 -2.54 18.09 1.53
N LEU A 105 -3.37 18.84 2.26
CA LEU A 105 -3.16 19.01 3.70
C LEU A 105 -4.47 19.40 4.37
N SER A 106 -5.59 19.00 3.77
CA SER A 106 -6.91 19.31 4.30
C SER A 106 -7.39 18.26 5.30
N HIS A 107 -7.45 17.02 4.85
CA HIS A 107 -7.91 15.91 5.69
C HIS A 107 -6.78 14.92 5.97
N PRO A 108 -6.95 14.04 6.99
CA PRO A 108 -5.94 13.02 7.36
C PRO A 108 -5.78 11.94 6.28
N GLN A 109 -6.59 12.03 5.22
CA GLN A 109 -6.54 11.08 4.12
C GLN A 109 -5.29 11.29 3.26
N GLN A 110 -4.56 12.37 3.57
CA GLN A 110 -3.33 12.72 2.85
C GLN A 110 -2.29 11.61 2.97
N MET A 111 -2.10 11.12 4.19
CA MET A 111 -1.12 10.06 4.45
C MET A 111 -1.74 8.68 4.27
N ALA A 112 -3.07 8.63 4.17
CA ALA A 112 -3.78 7.37 3.98
C ALA A 112 -3.68 6.89 2.54
N LEU A 113 -3.88 7.81 1.59
CA LEU A 113 -3.81 7.48 0.17
C LEU A 113 -2.37 7.24 -0.25
N LEU A 114 -1.45 7.89 0.47
CA LEU A 114 -0.01 7.76 0.21
C LEU A 114 0.45 6.32 0.51
N ASP A 115 -0.18 5.71 1.52
CA ASP A 115 0.15 4.34 1.90
C ASP A 115 -0.60 3.34 1.04
N GLN A 116 -1.80 3.73 0.60
CA GLN A 116 -2.61 2.87 -0.26
C GLN A 116 -1.97 2.71 -1.64
N THR A 117 -1.12 3.68 -2.00
CA THR A 117 -0.42 3.66 -3.27
C THR A 117 0.97 3.02 -3.09
N LYS A 118 1.51 3.18 -1.87
CA LYS A 118 2.82 2.63 -1.53
C LYS A 118 2.77 1.11 -1.48
N THR A 119 1.75 0.58 -0.79
CA THR A 119 1.56 -0.86 -0.67
C THR A 119 0.99 -1.44 -1.97
N LEU A 120 0.46 -0.55 -2.81
CA LEU A 120 -0.13 -0.93 -4.09
C LEU A 120 0.97 -1.23 -5.10
N ALA A 121 2.05 -0.46 -5.02
CA ALA A 121 3.20 -0.65 -5.89
C ALA A 121 4.01 -1.83 -5.38
N GLU A 122 3.88 -2.09 -4.08
CA GLU A 122 4.54 -3.21 -3.44
C GLU A 122 3.90 -4.52 -3.89
N SER A 123 2.57 -4.48 -4.03
CA SER A 123 1.80 -5.63 -4.49
C SER A 123 2.10 -5.90 -5.96
N ALA A 124 2.48 -4.83 -6.68
CA ALA A 124 2.82 -4.94 -8.09
C ALA A 124 4.23 -5.50 -8.24
N LEU A 125 5.04 -5.29 -7.21
CA LEU A 125 6.41 -5.79 -7.19
C LEU A 125 6.39 -7.30 -7.00
N GLN A 126 5.56 -7.75 -6.05
CA GLN A 126 5.40 -9.18 -5.77
C GLN A 126 4.71 -9.84 -6.96
N LEU A 127 3.96 -9.03 -7.70
CA LEU A 127 3.25 -9.51 -8.88
C LEU A 127 4.26 -9.88 -9.98
N LEU A 128 5.17 -8.96 -10.31
CA LEU A 128 6.19 -9.23 -11.32
C LEU A 128 7.17 -10.31 -10.84
N TYR A 129 7.18 -10.56 -9.53
CA TYR A 129 8.02 -11.60 -8.95
C TYR A 129 7.50 -12.99 -9.33
N THR A 130 6.23 -13.23 -9.06
CA THR A 130 5.63 -14.54 -9.34
C THR A 130 5.47 -14.75 -10.85
N ALA A 131 5.21 -13.67 -11.57
CA ALA A 131 5.08 -13.73 -13.02
C ALA A 131 6.41 -14.07 -13.67
N LYS A 132 7.51 -13.66 -13.05
CA LYS A 132 8.84 -13.96 -13.58
C LYS A 132 9.13 -15.46 -13.48
N GLU A 133 8.66 -16.06 -12.41
CA GLU A 133 8.85 -17.49 -12.18
C GLU A 133 7.96 -18.32 -13.09
N ALA A 134 6.67 -18.03 -13.05
CA ALA A 134 5.67 -18.84 -13.73
C ALA A 134 5.56 -18.50 -15.21
N GLY A 135 6.12 -17.36 -15.60
CA GLY A 135 5.87 -16.79 -16.93
C GLY A 135 5.96 -17.78 -18.06
N GLY A 136 4.79 -18.21 -18.53
CA GLY A 136 4.72 -19.08 -19.69
C GLY A 136 5.08 -20.51 -19.38
N ASN A 137 5.39 -20.79 -18.13
CA ASN A 137 5.87 -22.10 -17.72
C ASN A 137 5.26 -22.51 -16.38
N PRO A 138 4.17 -23.29 -16.43
CA PRO A 138 3.50 -23.78 -15.22
C PRO A 138 4.31 -24.85 -14.49
N LYS A 139 5.30 -25.41 -15.18
CA LYS A 139 6.05 -26.57 -14.68
C LYS A 139 7.01 -26.18 -13.54
N GLN A 140 7.96 -25.31 -13.83
CA GLN A 140 8.95 -24.90 -12.82
C GLN A 140 8.36 -23.83 -11.92
N ALA A 141 7.04 -23.82 -11.81
CA ALA A 141 6.34 -22.82 -11.05
C ALA A 141 5.11 -23.43 -10.39
N ALA A 142 5.23 -24.68 -9.99
CA ALA A 142 4.11 -25.43 -9.39
C ALA A 142 3.51 -24.68 -8.21
N HIS A 143 4.35 -24.24 -7.29
CA HIS A 143 3.88 -23.49 -6.12
C HIS A 143 3.68 -22.03 -6.48
N THR A 144 4.38 -21.59 -7.51
CA THR A 144 4.26 -20.23 -8.00
C THR A 144 2.85 -20.00 -8.53
N GLN A 145 2.23 -21.08 -9.00
CA GLN A 145 0.84 -21.04 -9.47
C GLN A 145 -0.08 -20.52 -8.36
N GLU A 146 0.22 -20.90 -7.12
CA GLU A 146 -0.57 -20.48 -5.97
C GLU A 146 -0.11 -19.12 -5.45
N ALA A 147 1.17 -18.80 -5.66
CA ALA A 147 1.74 -17.53 -5.22
C ALA A 147 1.27 -16.37 -6.11
N LEU A 148 0.98 -16.68 -7.36
CA LEU A 148 0.49 -15.70 -8.33
C LEU A 148 -0.92 -15.26 -7.95
N GLU A 149 -1.65 -16.18 -7.33
CA GLU A 149 -3.02 -15.91 -6.90
C GLU A 149 -3.03 -15.05 -5.63
N GLU A 150 -1.90 -15.06 -4.93
CA GLU A 150 -1.75 -14.28 -3.70
C GLU A 150 -1.27 -12.87 -4.02
N ALA A 151 -0.65 -12.71 -5.19
CA ALA A 151 -0.14 -11.42 -5.63
C ALA A 151 -1.22 -10.62 -6.35
N VAL A 152 -2.11 -11.32 -7.04
CA VAL A 152 -3.20 -10.67 -7.77
C VAL A 152 -4.30 -10.21 -6.81
N GLN A 153 -4.56 -11.00 -5.76
CA GLN A 153 -5.57 -10.65 -4.78
C GLN A 153 -5.05 -9.58 -3.82
N MET A 154 -3.73 -9.45 -3.75
CA MET A 154 -3.10 -8.45 -2.90
C MET A 154 -3.15 -7.08 -3.56
N MET A 155 -3.14 -7.09 -4.90
CA MET A 155 -3.19 -5.85 -5.68
C MET A 155 -4.57 -5.22 -5.65
N THR A 156 -5.60 -6.04 -5.92
CA THR A 156 -6.99 -5.56 -5.93
C THR A 156 -7.43 -5.08 -4.55
N GLU A 157 -6.77 -5.59 -3.51
CA GLU A 157 -7.08 -5.21 -2.14
C GLU A 157 -6.76 -3.73 -1.90
N ALA A 158 -5.67 -3.25 -2.50
CA ALA A 158 -5.26 -1.86 -2.36
C ALA A 158 -5.90 -0.99 -3.44
N VAL A 159 -6.36 -1.62 -4.52
CA VAL A 159 -7.00 -0.88 -5.62
C VAL A 159 -8.37 -0.35 -5.20
N GLU A 160 -9.19 -1.24 -4.65
CA GLU A 160 -10.54 -0.87 -4.19
C GLU A 160 -10.48 0.09 -3.01
N ASP A 161 -9.43 -0.04 -2.20
CA ASP A 161 -9.25 0.80 -1.03
C ASP A 161 -8.78 2.21 -1.41
N LEU A 162 -8.06 2.30 -2.53
CA LEU A 162 -7.55 3.58 -3.01
C LEU A 162 -8.68 4.41 -3.62
N THR A 163 -9.52 3.74 -4.42
CA THR A 163 -10.64 4.38 -5.08
C THR A 163 -11.60 5.05 -4.10
N THR A 164 -11.69 4.48 -2.90
CA THR A 164 -12.54 5.02 -1.85
C THR A 164 -12.09 6.41 -1.44
N THR A 165 -10.77 6.62 -1.40
CA THR A 165 -10.19 7.91 -1.03
C THR A 165 -10.24 8.90 -2.19
N LEU A 166 -10.10 8.40 -3.41
CA LEU A 166 -10.12 9.21 -4.61
C LEU A 166 -11.46 9.91 -4.79
N ASN A 167 -12.53 9.15 -4.67
CA ASN A 167 -13.86 9.67 -4.93
C ASN A 167 -14.29 10.66 -3.85
N GLU A 168 -13.91 10.39 -2.61
CA GLU A 168 -14.20 11.32 -1.53
C GLU A 168 -13.32 12.55 -1.67
N ALA A 169 -12.11 12.35 -2.17
CA ALA A 169 -11.11 13.41 -2.32
C ALA A 169 -11.63 14.57 -3.17
N ALA A 170 -12.70 14.34 -3.92
CA ALA A 170 -13.36 15.41 -4.64
C ALA A 170 -13.66 16.58 -3.70
N SER A 171 -14.26 16.27 -2.56
CA SER A 171 -14.53 17.27 -1.53
C SER A 171 -13.58 17.10 -0.33
N ALA A 172 -12.96 15.93 -0.25
CA ALA A 172 -12.08 15.61 0.88
C ALA A 172 -10.66 16.14 0.65
N ALA A 173 -10.35 16.48 -0.59
CA ALA A 173 -9.05 17.04 -0.92
C ALA A 173 -9.21 18.33 -1.70
N GLY A 174 -10.29 18.43 -2.46
CA GLY A 174 -10.57 19.64 -3.20
C GLY A 174 -10.83 20.82 -2.28
N SER B 1 -9.98 -5.76 25.20
CA SER B 1 -10.52 -5.90 23.84
C SER B 1 -9.38 -6.14 22.84
N PHE B 2 -9.42 -7.28 22.12
CA PHE B 2 -8.39 -7.64 21.13
C PHE B 2 -8.94 -7.53 19.71
N PHE B 3 -8.12 -6.98 18.78
CA PHE B 3 -8.51 -6.83 17.36
C PHE B 3 -7.46 -7.49 16.44
N LEU B 4 -7.94 -8.07 15.31
CA LEU B 4 -7.05 -8.73 14.34
C LEU B 4 -6.54 -7.71 13.31
N VAL B 5 -5.23 -7.50 13.32
CA VAL B 5 -4.58 -6.56 12.40
C VAL B 5 -3.40 -7.22 11.70
N LYS B 6 -2.97 -6.61 10.59
CA LYS B 6 -1.85 -7.13 9.82
C LYS B 6 -0.76 -6.08 9.68
N GLU B 7 0.50 -6.50 9.79
CA GLU B 7 1.64 -5.58 9.70
C GLU B 7 2.59 -5.96 8.56
N LYS B 8 3.07 -4.94 7.85
CA LYS B 8 4.01 -5.15 6.74
C LYS B 8 5.41 -4.69 7.14
N MET B 9 6.41 -5.47 6.74
CA MET B 9 7.81 -5.16 7.06
C MET B 9 8.55 -4.58 5.86
N LYS B 10 9.46 -3.64 6.13
CA LYS B 10 10.26 -3.02 5.07
C LYS B 10 11.16 -4.04 4.40
N GLY B 11 11.27 -3.94 3.08
CA GLY B 11 12.10 -4.87 2.33
C GLY B 11 11.26 -5.80 1.47
N LYS B 12 10.17 -6.29 2.06
CA LYS B 12 9.27 -7.19 1.37
C LYS B 12 7.84 -6.67 1.44
N ASN B 13 6.91 -7.40 0.84
CA ASN B 13 5.51 -7.01 0.85
C ASN B 13 4.59 -8.21 1.03
N LYS B 14 4.23 -8.49 2.27
CA LYS B 14 3.35 -9.61 2.59
C LYS B 14 2.60 -9.36 3.89
N LEU B 15 1.32 -9.71 3.90
CA LEU B 15 0.47 -9.53 5.08
C LEU B 15 0.59 -10.72 6.01
N VAL B 16 0.96 -10.47 7.26
CA VAL B 16 1.11 -11.54 8.26
C VAL B 16 0.23 -11.27 9.52
N PRO B 17 -0.30 -12.33 10.20
CA PRO B 17 -1.16 -12.16 11.41
C PRO B 17 -0.41 -11.52 12.59
N ARG B 18 -1.10 -10.59 13.30
CA ARG B 18 -0.51 -9.89 14.46
C ARG B 18 -1.60 -9.58 15.52
N LEU B 19 -1.20 -9.59 16.82
CA LEU B 19 -2.12 -9.29 17.92
C LEU B 19 -1.92 -7.86 18.44
N LEU B 20 -3.03 -7.13 18.68
CA LEU B 20 -2.97 -5.74 19.18
C LEU B 20 -3.80 -5.59 20.47
N GLY B 21 -3.12 -5.22 21.57
CA GLY B 21 -3.78 -5.02 22.86
C GLY B 21 -3.99 -3.54 23.17
N ILE B 22 -5.27 -3.12 23.35
CA ILE B 22 -5.61 -1.72 23.65
C ILE B 22 -6.21 -1.59 25.06
N THR B 23 -5.72 -0.59 25.84
CA THR B 23 -6.20 -0.33 27.21
C THR B 23 -6.64 1.14 27.34
N LYS B 24 -7.19 1.50 28.51
CA LYS B 24 -7.68 2.88 28.77
C LYS B 24 -6.53 3.91 29.00
N GLU B 25 -5.27 3.44 29.16
CA GLU B 25 -4.11 4.33 29.39
C GLU B 25 -3.12 4.37 28.21
N SER B 26 -2.82 3.20 27.60
CA SER B 26 -1.85 3.14 26.48
C SER B 26 -2.15 1.99 25.50
N VAL B 27 -1.57 2.11 24.28
CA VAL B 27 -1.72 1.11 23.21
C VAL B 27 -0.40 0.32 23.04
N MET B 28 -0.49 -1.00 22.82
CA MET B 28 0.72 -1.85 22.67
C MET B 28 0.48 -2.99 21.65
N ARG B 29 1.58 -3.43 21.00
CA ARG B 29 1.54 -4.53 20.01
C ARG B 29 2.18 -5.80 20.58
N VAL B 30 1.46 -6.94 20.47
CA VAL B 30 1.96 -8.25 20.97
C VAL B 30 2.22 -9.20 19.79
N ASP B 31 3.33 -9.96 19.87
CA ASP B 31 3.71 -10.92 18.82
C ASP B 31 2.93 -12.25 18.99
N GLU B 32 2.34 -12.76 17.90
CA GLU B 32 1.55 -14.02 17.91
C GLU B 32 2.40 -15.27 18.22
N LYS B 33 3.69 -15.27 17.80
CA LYS B 33 4.59 -16.43 18.00
C LYS B 33 5.25 -16.46 19.39
N THR B 34 5.89 -15.33 19.81
CA THR B 34 6.59 -15.25 21.11
C THR B 34 5.67 -14.84 22.28
N LYS B 35 4.49 -14.21 21.98
CA LYS B 35 3.53 -13.76 23.01
C LYS B 35 4.16 -12.70 23.96
N GLU B 36 4.89 -11.74 23.37
CA GLU B 36 5.56 -10.66 24.14
C GLU B 36 5.34 -9.29 23.47
N VAL B 37 5.53 -8.20 24.25
CA VAL B 37 5.36 -6.83 23.73
C VAL B 37 6.66 -6.33 23.08
N ILE B 38 6.54 -5.75 21.86
CA ILE B 38 7.70 -5.22 21.12
C ILE B 38 7.83 -3.70 21.34
N GLN B 39 6.77 -2.94 21.01
CA GLN B 39 6.77 -1.47 21.16
C GLN B 39 5.37 -0.98 21.59
N GLU B 40 5.31 0.14 22.35
CA GLU B 40 4.04 0.71 22.83
C GLU B 40 4.01 2.24 22.72
N TRP B 41 2.79 2.80 22.64
CA TRP B 41 2.57 4.26 22.51
C TRP B 41 1.55 4.73 23.57
N SER B 42 1.65 6.01 23.99
CA SER B 42 0.71 6.58 24.98
C SER B 42 -0.59 7.04 24.30
N LEU B 43 -1.71 6.99 25.05
CA LEU B 43 -3.03 7.40 24.53
C LEU B 43 -3.13 8.93 24.29
N THR B 44 -2.49 9.73 25.15
CA THR B 44 -2.52 11.21 25.04
C THR B 44 -1.54 11.77 23.97
N ASN B 45 -0.61 10.93 23.45
CA ASN B 45 0.36 11.38 22.42
C ASN B 45 -0.22 11.32 20.98
N ILE B 46 -1.38 10.63 20.80
CA ILE B 46 -2.02 10.51 19.47
C ILE B 46 -2.63 11.86 19.04
N LYS B 47 -2.39 12.24 17.79
CA LYS B 47 -2.90 13.51 17.26
C LYS B 47 -4.09 13.28 16.33
N ARG B 48 -3.85 12.57 15.23
CA ARG B 48 -4.90 12.30 14.25
C ARG B 48 -4.87 10.84 13.81
N TRP B 49 -5.95 10.41 13.16
CA TRP B 49 -6.05 9.04 12.66
C TRP B 49 -6.99 8.96 11.46
N ALA B 50 -6.65 8.08 10.52
CA ALA B 50 -7.46 7.90 9.31
C ALA B 50 -8.20 6.58 9.37
N ALA B 51 -9.53 6.64 9.28
CA ALA B 51 -10.36 5.45 9.32
C ALA B 51 -10.76 4.98 7.93
N SER B 52 -9.99 4.04 7.39
CA SER B 52 -10.26 3.49 6.07
C SER B 52 -10.91 2.10 6.21
N PRO B 53 -11.64 1.65 5.18
CA PRO B 53 -12.31 0.34 5.18
C PRO B 53 -11.35 -0.83 5.40
N LYS B 54 -10.11 -0.68 4.92
CA LYS B 54 -9.12 -1.75 5.06
C LYS B 54 -7.89 -1.31 5.86
N SER B 55 -7.41 -0.09 5.59
CA SER B 55 -6.22 0.41 6.28
C SER B 55 -6.58 1.35 7.44
N PHE B 56 -5.58 1.67 8.26
CA PHE B 56 -5.75 2.56 9.40
C PHE B 56 -4.45 3.28 9.70
N THR B 57 -4.38 4.55 9.30
CA THR B 57 -3.18 5.36 9.50
C THR B 57 -3.18 6.04 10.88
N LEU B 58 -2.16 5.75 11.68
CA LEU B 58 -2.04 6.33 13.01
C LEU B 58 -0.92 7.36 13.06
N ASP B 59 -1.26 8.56 13.53
CA ASP B 59 -0.29 9.65 13.63
C ASP B 59 0.03 9.98 15.08
N PHE B 60 1.32 9.97 15.41
CA PHE B 60 1.80 10.27 16.77
C PHE B 60 2.55 11.61 16.82
N GLY B 61 2.49 12.30 17.97
CA GLY B 61 3.17 13.59 18.14
C GLY B 61 4.67 13.45 18.40
N ASP B 62 5.08 13.63 19.67
CA ASP B 62 6.49 13.53 20.06
C ASP B 62 6.77 12.17 20.74
N TYR B 63 6.73 11.09 19.94
CA TYR B 63 6.97 9.72 20.45
C TYR B 63 7.54 8.81 19.34
N GLN B 64 6.83 8.72 18.22
CA GLN B 64 7.26 7.89 17.10
C GLN B 64 7.82 8.74 15.96
N ASP B 65 9.00 8.36 15.47
CA ASP B 65 9.64 9.07 14.37
C ASP B 65 9.15 8.55 13.02
N GLY B 66 8.93 7.24 12.96
CA GLY B 66 8.46 6.62 11.73
C GLY B 66 6.94 6.67 11.58
N TYR B 67 6.39 5.73 10.81
CA TYR B 67 4.95 5.67 10.61
C TYR B 67 4.38 4.32 11.00
N TYR B 68 3.12 4.32 11.44
CA TYR B 68 2.45 3.09 11.86
C TYR B 68 1.08 2.96 11.19
N SER B 69 1.01 2.08 10.19
CA SER B 69 -0.25 1.84 9.48
C SER B 69 -0.49 0.34 9.32
N VAL B 70 -1.56 -0.16 9.94
CA VAL B 70 -1.91 -1.57 9.88
C VAL B 70 -3.26 -1.80 9.23
N GLN B 71 -3.53 -3.04 8.85
CA GLN B 71 -4.80 -3.40 8.21
C GLN B 71 -5.82 -3.88 9.25
N THR B 72 -6.91 -3.14 9.37
CA THR B 72 -7.98 -3.48 10.33
C THR B 72 -9.31 -3.80 9.61
N THR B 73 -10.08 -4.76 10.18
CA THR B 73 -11.39 -5.16 9.63
C THR B 73 -12.51 -4.24 10.18
N GLU B 74 -12.32 -3.71 11.41
CA GLU B 74 -13.30 -2.83 12.07
C GLU B 74 -12.65 -1.46 12.41
N GLY B 75 -12.33 -0.68 11.36
CA GLY B 75 -11.71 0.64 11.53
C GLY B 75 -12.62 1.68 12.18
N GLU B 76 -13.94 1.61 11.91
CA GLU B 76 -14.93 2.56 12.48
C GLU B 76 -15.10 2.35 14.00
N GLN B 77 -15.01 1.08 14.47
CA GLN B 77 -15.15 0.75 15.90
C GLN B 77 -13.93 1.21 16.72
N ILE B 78 -12.71 1.08 16.14
CA ILE B 78 -11.47 1.51 16.83
C ILE B 78 -11.41 3.05 16.96
N ALA B 79 -11.80 3.78 15.90
CA ALA B 79 -11.80 5.26 15.90
C ALA B 79 -12.76 5.84 16.96
N GLN B 80 -13.96 5.22 17.10
CA GLN B 80 -14.97 5.67 18.08
C GLN B 80 -14.53 5.37 19.54
N LEU B 81 -13.78 4.26 19.73
CA LEU B 81 -13.29 3.86 21.06
C LEU B 81 -12.22 4.84 21.62
N ILE B 82 -11.29 5.29 20.74
CA ILE B 82 -10.22 6.24 21.13
C ILE B 82 -10.81 7.63 21.45
N ALA B 83 -11.78 8.10 20.63
CA ALA B 83 -12.44 9.41 20.84
C ALA B 83 -13.18 9.47 22.20
N GLY B 84 -13.87 8.37 22.56
CA GLY B 84 -14.61 8.31 23.83
C GLY B 84 -13.70 8.34 25.07
N TYR B 85 -12.52 7.67 25.00
CA TYR B 85 -11.56 7.64 26.13
C TYR B 85 -11.00 9.04 26.41
N ILE B 86 -10.77 9.86 25.35
CA ILE B 86 -10.25 11.23 25.50
C ILE B 86 -11.31 12.13 26.17
N ASP B 87 -12.60 11.92 25.83
CA ASP B 87 -13.72 12.70 26.39
C ASP B 87 -13.86 12.49 27.93
N ILE B 88 -13.61 11.26 28.41
CA ILE B 88 -13.70 10.92 29.85
C ILE B 88 -12.56 11.60 30.65
N ILE B 89 -11.34 11.67 30.07
CA ILE B 89 -10.17 12.30 30.73
C ILE B 89 -10.36 13.83 30.87
N LEU B 90 -10.90 14.49 29.82
CA LEU B 90 -11.13 15.95 29.83
C LEU B 90 -12.15 16.37 30.90
N LYS B 91 -13.16 15.52 31.17
CA LYS B 91 -14.21 15.80 32.19
C LYS B 91 -13.67 15.65 33.63
N GLY A 1 18.07 -8.48 -15.81
CA GLY A 1 17.47 -8.76 -17.14
C GLY A 1 17.93 -10.10 -17.68
N ILE A 2 17.87 -11.13 -16.86
CA ILE A 2 18.28 -12.46 -17.27
C ILE A 2 17.14 -13.47 -17.10
N ASP A 3 16.90 -14.26 -18.13
CA ASP A 3 15.85 -15.27 -18.09
C ASP A 3 16.42 -16.62 -17.68
N PRO A 4 16.08 -17.06 -16.46
CA PRO A 4 16.55 -18.33 -15.91
C PRO A 4 15.55 -19.45 -16.15
N PHE A 5 14.55 -19.18 -16.98
CA PHE A 5 13.53 -20.19 -17.27
C PHE A 5 13.58 -20.63 -18.72
N THR A 6 12.85 -19.94 -19.59
CA THR A 6 12.82 -20.27 -21.01
C THR A 6 11.74 -19.45 -21.74
N ALA A 7 11.57 -18.21 -21.30
CA ALA A 7 10.55 -17.35 -21.90
C ALA A 7 11.00 -15.89 -21.91
N PRO A 8 10.57 -15.14 -22.94
CA PRO A 8 10.92 -13.72 -23.06
C PRO A 8 10.25 -12.86 -21.98
N GLY A 9 9.21 -13.42 -21.36
CA GLY A 9 8.48 -12.70 -20.33
C GLY A 9 9.35 -12.36 -19.14
N GLN A 10 10.29 -13.25 -18.82
CA GLN A 10 11.20 -13.03 -17.71
C GLN A 10 12.04 -11.78 -17.92
N LEU A 11 12.47 -11.57 -19.16
CA LEU A 11 13.28 -10.42 -19.52
C LEU A 11 12.52 -9.12 -19.26
N GLU A 12 11.27 -9.08 -19.70
CA GLU A 12 10.43 -7.89 -19.51
C GLU A 12 10.18 -7.64 -18.03
N CYS A 13 9.75 -8.69 -17.33
CA CYS A 13 9.42 -8.58 -15.90
C CYS A 13 10.61 -8.14 -15.05
N GLU A 14 11.74 -8.82 -15.18
CA GLU A 14 12.92 -8.50 -14.38
C GLU A 14 13.38 -7.06 -14.59
N THR A 15 13.32 -6.59 -15.83
CA THR A 15 13.72 -5.22 -16.15
C THR A 15 12.76 -4.23 -15.48
N ALA A 16 11.47 -4.57 -15.48
CA ALA A 16 10.46 -3.73 -14.87
C ALA A 16 10.62 -3.72 -13.35
N ILE A 17 11.05 -4.86 -12.82
CA ILE A 17 11.26 -5.00 -11.37
C ILE A 17 12.28 -3.97 -10.88
N ALA A 18 13.40 -3.88 -11.56
CA ALA A 18 14.46 -2.94 -11.19
C ALA A 18 13.95 -1.50 -11.20
N ALA A 19 13.10 -1.19 -12.17
CA ALA A 19 12.53 0.14 -12.29
C ALA A 19 11.49 0.40 -11.20
N LEU A 20 10.56 -0.54 -11.04
CA LEU A 20 9.50 -0.42 -10.05
C LEU A 20 10.07 -0.38 -8.64
N ASN A 21 11.06 -1.23 -8.37
CA ASN A 21 11.69 -1.28 -7.05
C ASN A 21 12.30 0.07 -6.71
N SER A 22 12.82 0.76 -7.72
CA SER A 22 13.41 2.08 -7.52
C SER A 22 12.34 3.07 -7.08
N CYS A 23 11.17 2.99 -7.72
CA CYS A 23 10.06 3.87 -7.37
C CYS A 23 9.52 3.50 -6.00
N LEU A 24 9.59 2.21 -5.68
CA LEU A 24 9.15 1.71 -4.39
C LEU A 24 9.98 2.33 -3.27
N ARG A 25 11.29 2.38 -3.49
CA ARG A 25 12.21 2.94 -2.51
C ARG A 25 11.92 4.42 -2.28
N ASP A 26 11.62 5.14 -3.36
CA ASP A 26 11.30 6.56 -3.29
C ASP A 26 10.04 6.78 -2.46
N LEU A 27 8.98 6.04 -2.80
CA LEU A 27 7.71 6.14 -2.10
C LEU A 27 7.84 5.66 -0.64
N ASP A 28 8.68 4.65 -0.44
CA ASP A 28 8.91 4.09 0.89
C ASP A 28 9.45 5.14 1.85
N GLN A 29 10.25 6.06 1.34
CA GLN A 29 10.82 7.12 2.15
C GLN A 29 9.97 8.38 2.05
N ALA A 30 9.21 8.49 0.97
CA ALA A 30 8.35 9.64 0.73
C ALA A 30 7.33 9.83 1.85
N SER A 31 6.76 8.73 2.33
CA SER A 31 5.78 8.78 3.40
C SER A 31 6.38 9.41 4.67
N LEU A 32 7.66 9.19 4.87
CA LEU A 32 8.36 9.73 6.02
C LEU A 32 8.78 11.18 5.78
N ALA A 33 9.17 11.47 4.55
CA ALA A 33 9.60 12.80 4.16
C ALA A 33 8.42 13.76 4.10
N ALA A 34 7.25 13.24 3.74
CA ALA A 34 6.03 14.05 3.63
C ALA A 34 5.68 14.72 4.95
N VAL A 35 5.60 13.94 6.02
CA VAL A 35 5.27 14.48 7.34
C VAL A 35 6.37 15.42 7.83
N SER A 36 7.58 15.20 7.35
CA SER A 36 8.73 16.01 7.73
C SER A 36 8.80 17.28 6.86
N GLN A 37 7.87 17.40 5.92
CA GLN A 37 7.81 18.54 5.01
C GLN A 37 9.05 18.62 4.12
N GLN A 38 9.65 17.47 3.84
CA GLN A 38 10.84 17.39 3.02
C GLN A 38 10.49 16.98 1.59
N LEU A 39 9.26 17.31 1.18
CA LEU A 39 8.80 16.98 -0.16
C LEU A 39 8.13 18.19 -0.78
N ALA A 40 8.50 18.48 -2.02
CA ALA A 40 7.93 19.60 -2.75
C ALA A 40 6.50 19.26 -3.17
N PRO A 41 5.57 20.22 -3.03
CA PRO A 41 4.17 20.03 -3.40
C PRO A 41 4.01 19.77 -4.90
N ARG A 42 3.88 18.48 -5.22
CA ARG A 42 3.73 18.00 -6.60
C ARG A 42 4.79 18.50 -7.58
N GLU A 43 4.63 18.12 -8.85
CA GLU A 43 5.56 18.53 -9.90
C GLU A 43 4.96 19.64 -10.76
N GLY A 44 3.73 19.39 -11.22
CA GLY A 44 3.04 20.37 -12.04
C GLY A 44 1.58 20.01 -12.22
N ILE A 45 1.15 18.90 -11.64
CA ILE A 45 -0.23 18.45 -11.75
C ILE A 45 -1.14 19.22 -10.78
N SER A 46 -2.37 19.48 -11.18
CA SER A 46 -3.32 20.22 -10.36
C SER A 46 -3.94 19.31 -9.28
N GLN A 47 -4.61 19.93 -8.30
CA GLN A 47 -5.23 19.21 -7.20
C GLN A 47 -6.29 18.21 -7.70
N GLU A 48 -7.24 18.70 -8.51
CA GLU A 48 -8.28 17.82 -9.05
C GLU A 48 -7.66 16.88 -10.07
N ALA A 49 -6.70 17.41 -10.83
CA ALA A 49 -6.01 16.62 -11.85
C ALA A 49 -5.39 15.37 -11.24
N LEU A 50 -4.96 15.47 -9.99
CA LEU A 50 -4.38 14.35 -9.28
C LEU A 50 -5.43 13.25 -9.16
N HIS A 51 -6.62 13.65 -8.75
CA HIS A 51 -7.74 12.75 -8.59
C HIS A 51 -8.09 12.08 -9.92
N THR A 52 -8.22 12.88 -10.97
CA THR A 52 -8.55 12.37 -12.29
C THR A 52 -7.46 11.44 -12.82
N GLN A 53 -6.21 11.82 -12.63
CA GLN A 53 -5.08 11.01 -13.10
C GLN A 53 -5.02 9.69 -12.35
N MET A 54 -5.01 9.76 -11.03
CA MET A 54 -4.94 8.57 -10.20
C MET A 54 -6.11 7.63 -10.48
N LEU A 55 -7.31 8.20 -10.57
CA LEU A 55 -8.51 7.41 -10.83
C LEU A 55 -8.40 6.69 -12.18
N THR A 56 -7.96 7.42 -13.19
CA THR A 56 -7.82 6.85 -14.53
C THR A 56 -6.73 5.77 -14.53
N ALA A 57 -5.59 6.08 -13.92
CA ALA A 57 -4.47 5.13 -13.86
C ALA A 57 -4.90 3.85 -13.15
N VAL A 58 -5.56 4.00 -12.00
CA VAL A 58 -6.03 2.86 -11.22
C VAL A 58 -6.97 1.98 -12.06
N GLN A 59 -7.89 2.62 -12.78
CA GLN A 59 -8.84 1.91 -13.62
C GLN A 59 -8.12 1.11 -14.71
N GLU A 60 -7.10 1.71 -15.28
CA GLU A 60 -6.31 1.05 -16.33
C GLU A 60 -5.56 -0.13 -15.76
N ILE A 61 -4.89 0.09 -14.63
CA ILE A 61 -4.11 -0.95 -13.98
C ILE A 61 -4.99 -2.13 -13.58
N SER A 62 -6.14 -1.85 -12.97
CA SER A 62 -7.06 -2.90 -12.56
C SER A 62 -7.64 -3.64 -13.77
N HIS A 63 -7.73 -2.92 -14.89
CA HIS A 63 -8.26 -3.48 -16.12
C HIS A 63 -7.27 -4.50 -16.69
N LEU A 64 -5.99 -4.21 -16.59
CA LEU A 64 -4.94 -5.09 -17.11
C LEU A 64 -4.56 -6.19 -16.10
N ILE A 65 -5.02 -6.04 -14.86
CA ILE A 65 -4.71 -7.02 -13.81
C ILE A 65 -5.19 -8.43 -14.19
N GLU A 66 -6.44 -8.54 -14.60
CA GLU A 66 -7.01 -9.82 -15.00
C GLU A 66 -6.23 -10.46 -16.16
N PRO A 67 -6.07 -9.74 -17.30
CA PRO A 67 -5.32 -10.25 -18.47
C PRO A 67 -3.86 -10.57 -18.12
N LEU A 68 -3.34 -9.92 -17.09
CA LEU A 68 -1.97 -10.17 -16.66
C LEU A 68 -1.88 -11.49 -15.92
N ALA A 69 -2.90 -11.78 -15.11
CA ALA A 69 -2.94 -13.02 -14.35
C ALA A 69 -2.90 -14.22 -15.27
N SER A 70 -3.60 -14.12 -16.40
CA SER A 70 -3.64 -15.19 -17.39
C SER A 70 -2.28 -15.32 -18.08
N ALA A 71 -1.64 -14.18 -18.33
CA ALA A 71 -0.35 -14.16 -18.97
C ALA A 71 0.74 -14.72 -18.06
N ALA A 72 0.66 -14.35 -16.79
CA ALA A 72 1.63 -14.78 -15.78
C ALA A 72 1.52 -16.27 -15.45
N ARG A 73 0.62 -16.97 -16.11
CA ARG A 73 0.46 -18.40 -15.87
C ARG A 73 0.24 -19.17 -17.17
N ALA A 74 0.40 -18.50 -18.31
CA ALA A 74 0.20 -19.14 -19.60
C ALA A 74 0.75 -18.31 -20.76
N GLU A 75 0.24 -17.09 -20.91
CA GLU A 75 0.67 -16.21 -21.99
C GLU A 75 2.06 -15.62 -21.73
N ALA A 76 3.09 -16.35 -22.12
CA ALA A 76 4.47 -15.92 -21.93
C ALA A 76 4.81 -14.73 -22.81
N SER A 77 4.41 -14.82 -24.08
CA SER A 77 4.68 -13.77 -25.04
C SER A 77 3.86 -12.51 -24.71
N GLN A 78 2.58 -12.72 -24.39
CA GLN A 78 1.68 -11.62 -24.07
C GLN A 78 1.99 -11.01 -22.71
N LEU A 79 2.75 -11.73 -21.88
CA LEU A 79 3.12 -11.25 -20.56
C LEU A 79 3.82 -9.91 -20.64
N GLY A 80 4.73 -9.79 -21.60
CA GLY A 80 5.46 -8.54 -21.77
C GLY A 80 4.56 -7.37 -22.08
N HIS A 81 3.51 -7.62 -22.86
CA HIS A 81 2.56 -6.59 -23.24
C HIS A 81 1.77 -6.13 -22.01
N LYS A 82 1.35 -7.08 -21.19
CA LYS A 82 0.59 -6.77 -19.99
C LYS A 82 1.45 -5.98 -19.00
N VAL A 83 2.69 -6.42 -18.83
CA VAL A 83 3.63 -5.77 -17.93
C VAL A 83 3.93 -4.34 -18.37
N SER A 84 4.08 -4.15 -19.69
CA SER A 84 4.35 -2.83 -20.24
C SER A 84 3.27 -1.83 -19.83
N GLN A 85 2.02 -2.26 -19.92
CA GLN A 85 0.89 -1.41 -19.56
C GLN A 85 0.93 -1.03 -18.09
N MET A 86 1.25 -2.01 -17.24
CA MET A 86 1.32 -1.79 -15.80
C MET A 86 2.45 -0.83 -15.43
N ALA A 87 3.62 -1.08 -16.00
CA ALA A 87 4.80 -0.25 -15.72
C ALA A 87 4.59 1.22 -16.06
N GLN A 88 4.12 1.49 -17.27
CA GLN A 88 3.92 2.88 -17.71
C GLN A 88 2.76 3.57 -16.98
N TYR A 89 1.96 2.81 -16.26
CA TYR A 89 0.83 3.38 -15.53
C TYR A 89 1.13 3.55 -14.05
N PHE A 90 2.08 2.76 -13.54
CA PHE A 90 2.44 2.84 -12.13
C PHE A 90 3.30 4.06 -11.84
N GLU A 91 4.13 4.45 -12.81
CA GLU A 91 5.01 5.59 -12.64
C GLU A 91 4.24 6.89 -12.36
N PRO A 92 3.31 7.32 -13.26
CA PRO A 92 2.53 8.54 -13.07
C PRO A 92 1.74 8.50 -11.76
N LEU A 93 1.27 7.30 -11.40
CA LEU A 93 0.52 7.12 -10.17
C LEU A 93 1.41 7.37 -8.97
N THR A 94 2.63 6.84 -9.02
CA THR A 94 3.59 7.00 -7.94
C THR A 94 3.90 8.50 -7.75
N LEU A 95 4.21 9.17 -8.85
CA LEU A 95 4.51 10.60 -8.81
C LEU A 95 3.33 11.39 -8.28
N ALA A 96 2.13 11.01 -8.70
CA ALA A 96 0.92 11.67 -8.26
C ALA A 96 0.71 11.50 -6.77
N ALA A 97 0.86 10.26 -6.29
CA ALA A 97 0.70 9.96 -4.86
C ALA A 97 1.65 10.79 -4.01
N VAL A 98 2.91 10.82 -4.40
CA VAL A 98 3.92 11.58 -3.68
C VAL A 98 3.63 13.08 -3.73
N GLY A 99 3.27 13.56 -4.93
CA GLY A 99 2.96 14.97 -5.10
C GLY A 99 1.69 15.40 -4.39
N ALA A 100 0.72 14.50 -4.32
CA ALA A 100 -0.55 14.79 -3.66
C ALA A 100 -0.37 14.90 -2.15
N ALA A 101 0.54 14.10 -1.62
CA ALA A 101 0.82 14.09 -0.19
C ALA A 101 1.44 15.41 0.28
N SER A 102 2.24 16.02 -0.58
CA SER A 102 2.90 17.27 -0.23
C SER A 102 2.04 18.50 -0.55
N LYS A 103 0.85 18.26 -1.09
CA LYS A 103 -0.04 19.36 -1.45
C LYS A 103 -1.33 19.31 -0.63
N THR A 104 -1.92 18.13 -0.51
CA THR A 104 -3.17 17.96 0.21
C THR A 104 -2.92 17.74 1.70
N LEU A 105 -3.22 18.75 2.50
CA LEU A 105 -3.03 18.67 3.95
C LEU A 105 -4.35 19.03 4.66
N SER A 106 -5.42 19.08 3.88
CA SER A 106 -6.74 19.42 4.39
C SER A 106 -7.32 18.33 5.28
N HIS A 107 -7.02 17.08 4.99
CA HIS A 107 -7.55 15.97 5.77
C HIS A 107 -6.48 14.91 6.04
N PRO A 108 -6.67 14.10 7.10
CA PRO A 108 -5.71 13.03 7.47
C PRO A 108 -5.62 11.95 6.40
N GLN A 109 -6.56 12.00 5.44
CA GLN A 109 -6.60 11.03 4.35
C GLN A 109 -5.35 11.14 3.48
N GLN A 110 -4.61 12.23 3.65
CA GLN A 110 -3.38 12.49 2.92
C GLN A 110 -2.41 11.32 3.10
N MET A 111 -2.28 10.85 4.34
CA MET A 111 -1.39 9.73 4.63
C MET A 111 -2.02 8.41 4.26
N ALA A 112 -3.35 8.38 4.24
CA ALA A 112 -4.09 7.17 3.88
C ALA A 112 -3.83 6.82 2.43
N LEU A 113 -4.12 7.77 1.54
CA LEU A 113 -3.91 7.55 0.11
C LEU A 113 -2.45 7.28 -0.21
N LEU A 114 -1.57 7.90 0.58
CA LEU A 114 -0.14 7.72 0.41
C LEU A 114 0.27 6.28 0.70
N ASP A 115 -0.19 5.76 1.85
CA ASP A 115 0.11 4.39 2.24
C ASP A 115 -0.57 3.39 1.31
N GLN A 116 -1.80 3.69 0.94
CA GLN A 116 -2.56 2.82 0.04
C GLN A 116 -1.87 2.66 -1.30
N THR A 117 -1.44 3.78 -1.89
CA THR A 117 -0.73 3.74 -3.16
C THR A 117 0.61 3.05 -3.00
N LYS A 118 1.24 3.29 -1.85
CA LYS A 118 2.53 2.68 -1.54
C LYS A 118 2.38 1.16 -1.52
N THR A 119 1.40 0.69 -0.75
CA THR A 119 1.12 -0.74 -0.63
C THR A 119 0.71 -1.33 -1.98
N LEU A 120 0.05 -0.51 -2.80
CA LEU A 120 -0.37 -0.94 -4.13
C LEU A 120 0.85 -1.27 -4.97
N ALA A 121 1.84 -0.39 -4.93
CA ALA A 121 3.08 -0.58 -5.67
C ALA A 121 3.84 -1.80 -5.12
N GLU A 122 3.77 -1.96 -3.79
CA GLU A 122 4.42 -3.06 -3.12
C GLU A 122 3.83 -4.38 -3.60
N SER A 123 2.52 -4.40 -3.77
CA SER A 123 1.81 -5.58 -4.23
C SER A 123 2.16 -5.88 -5.69
N ALA A 124 2.30 -4.82 -6.48
CA ALA A 124 2.64 -4.96 -7.89
C ALA A 124 4.03 -5.56 -8.04
N LEU A 125 4.94 -5.16 -7.14
CA LEU A 125 6.30 -5.66 -7.15
C LEU A 125 6.29 -7.17 -6.92
N GLN A 126 5.40 -7.62 -6.03
CA GLN A 126 5.28 -9.03 -5.71
C GLN A 126 4.68 -9.79 -6.90
N LEU A 127 3.83 -9.10 -7.65
CA LEU A 127 3.18 -9.67 -8.82
C LEU A 127 4.25 -9.95 -9.88
N LEU A 128 5.17 -9.01 -10.04
CA LEU A 128 6.25 -9.15 -11.01
C LEU A 128 7.19 -10.28 -10.59
N TYR A 129 7.37 -10.43 -9.29
CA TYR A 129 8.24 -11.48 -8.75
C TYR A 129 7.70 -12.86 -9.09
N THR A 130 6.38 -13.00 -9.04
CA THR A 130 5.73 -14.27 -9.33
C THR A 130 5.61 -14.48 -10.84
N ALA A 131 5.32 -13.40 -11.56
CA ALA A 131 5.19 -13.45 -13.01
C ALA A 131 6.50 -13.86 -13.68
N LYS A 132 7.61 -13.48 -13.05
CA LYS A 132 8.93 -13.82 -13.58
C LYS A 132 9.25 -15.30 -13.40
N GLU A 133 8.40 -16.01 -12.67
CA GLU A 133 8.61 -17.43 -12.44
C GLU A 133 7.61 -18.27 -13.22
N ALA A 134 6.34 -18.00 -13.00
CA ALA A 134 5.26 -18.75 -13.64
C ALA A 134 4.98 -18.28 -15.06
N GLY A 135 5.58 -17.17 -15.44
CA GLY A 135 5.37 -16.62 -16.77
C GLY A 135 6.01 -17.46 -17.85
N GLY A 136 5.22 -18.35 -18.44
CA GLY A 136 5.72 -19.19 -19.51
C GLY A 136 5.71 -20.66 -19.17
N ASN A 137 6.13 -21.01 -17.97
CA ASN A 137 6.18 -22.41 -17.56
C ASN A 137 5.61 -22.62 -16.16
N PRO A 138 4.45 -23.26 -16.07
CA PRO A 138 3.79 -23.52 -14.78
C PRO A 138 4.33 -24.78 -14.09
N LYS A 139 5.19 -25.53 -14.77
CA LYS A 139 5.75 -26.75 -14.22
C LYS A 139 6.89 -26.46 -13.25
N GLN A 140 7.83 -25.63 -13.69
CA GLN A 140 8.96 -25.25 -12.84
C GLN A 140 8.55 -24.22 -11.80
N ALA A 141 7.32 -23.75 -11.92
CA ALA A 141 6.78 -22.77 -11.00
C ALA A 141 5.45 -23.25 -10.43
N ALA A 142 5.45 -24.50 -9.97
CA ALA A 142 4.27 -25.12 -9.40
C ALA A 142 3.75 -24.32 -8.20
N HIS A 143 4.65 -24.02 -7.27
CA HIS A 143 4.27 -23.27 -6.08
C HIS A 143 3.93 -21.83 -6.43
N THR A 144 4.55 -21.33 -7.49
CA THR A 144 4.32 -19.97 -7.95
C THR A 144 2.89 -19.81 -8.47
N GLN A 145 2.28 -20.93 -8.88
CA GLN A 145 0.90 -20.91 -9.37
C GLN A 145 -0.03 -20.37 -8.29
N GLU A 146 0.19 -20.82 -7.07
CA GLU A 146 -0.62 -20.40 -5.94
C GLU A 146 -0.11 -19.09 -5.36
N ALA A 147 1.21 -18.87 -5.49
CA ALA A 147 1.83 -17.64 -4.99
C ALA A 147 1.35 -16.45 -5.81
N LEU A 148 1.08 -16.68 -7.09
CA LEU A 148 0.61 -15.64 -7.99
C LEU A 148 -0.72 -15.09 -7.50
N GLU A 149 -1.56 -15.98 -7.00
CA GLU A 149 -2.87 -15.61 -6.49
C GLU A 149 -2.74 -14.65 -5.31
N GLU A 150 -1.78 -14.92 -4.44
CA GLU A 150 -1.54 -14.08 -3.28
C GLU A 150 -0.94 -12.72 -3.66
N ALA A 151 -0.51 -12.61 -4.91
CA ALA A 151 0.05 -11.37 -5.41
C ALA A 151 -1.00 -10.57 -6.16
N VAL A 152 -1.72 -11.24 -7.04
CA VAL A 152 -2.76 -10.60 -7.84
C VAL A 152 -3.92 -10.10 -6.98
N GLN A 153 -4.36 -10.91 -6.01
CA GLN A 153 -5.46 -10.55 -5.15
C GLN A 153 -5.06 -9.45 -4.17
N MET A 154 -3.77 -9.42 -3.84
CA MET A 154 -3.25 -8.40 -2.91
C MET A 154 -3.31 -7.04 -3.58
N MET A 155 -3.20 -7.02 -4.91
CA MET A 155 -3.25 -5.79 -5.67
C MET A 155 -4.66 -5.21 -5.64
N THR A 156 -5.65 -6.07 -5.89
CA THR A 156 -7.04 -5.65 -5.90
C THR A 156 -7.44 -5.11 -4.53
N GLU A 157 -6.87 -5.70 -3.49
CA GLU A 157 -7.13 -5.28 -2.13
C GLU A 157 -6.82 -3.80 -1.95
N ALA A 158 -5.64 -3.41 -2.39
CA ALA A 158 -5.20 -2.01 -2.29
C ALA A 158 -5.98 -1.13 -3.25
N VAL A 159 -6.26 -1.65 -4.45
CA VAL A 159 -7.01 -0.90 -5.46
C VAL A 159 -8.35 -0.42 -4.92
N GLU A 160 -9.12 -1.34 -4.36
CA GLU A 160 -10.44 -1.02 -3.82
C GLU A 160 -10.35 0.01 -2.70
N ASP A 161 -9.37 -0.18 -1.81
CA ASP A 161 -9.19 0.72 -0.67
C ASP A 161 -8.83 2.13 -1.14
N LEU A 162 -7.91 2.21 -2.10
CA LEU A 162 -7.48 3.49 -2.64
C LEU A 162 -8.61 4.19 -3.39
N THR A 163 -9.44 3.41 -4.06
CA THR A 163 -10.58 3.96 -4.81
C THR A 163 -11.51 4.74 -3.89
N THR A 164 -11.73 4.23 -2.68
CA THR A 164 -12.57 4.89 -1.71
C THR A 164 -12.03 6.27 -1.38
N THR A 165 -10.71 6.35 -1.20
CA THR A 165 -10.05 7.61 -0.88
C THR A 165 -10.13 8.57 -2.06
N LEU A 166 -10.04 8.02 -3.27
CA LEU A 166 -10.12 8.83 -4.48
C LEU A 166 -11.50 9.44 -4.64
N ASN A 167 -12.52 8.61 -4.46
CA ASN A 167 -13.91 9.07 -4.58
C ASN A 167 -14.21 10.15 -3.55
N GLU A 168 -13.67 9.99 -2.35
CA GLU A 168 -13.87 10.95 -1.28
C GLU A 168 -13.05 12.21 -1.48
N ALA A 169 -11.95 12.09 -2.23
CA ALA A 169 -11.07 13.23 -2.49
C ALA A 169 -11.77 14.31 -3.29
N ALA A 170 -12.81 13.92 -4.03
CA ALA A 170 -13.57 14.85 -4.85
C ALA A 170 -14.18 15.97 -4.01
N SER A 171 -14.49 15.68 -2.75
CA SER A 171 -15.07 16.69 -1.87
C SER A 171 -14.34 16.72 -0.52
N ALA A 172 -13.07 16.32 -0.50
CA ALA A 172 -12.30 16.33 0.73
C ALA A 172 -10.83 16.64 0.50
N ALA A 173 -10.48 17.01 -0.73
CA ALA A 173 -9.08 17.32 -1.05
C ALA A 173 -8.87 18.83 -1.17
N GLY A 174 -9.25 19.38 -2.32
CA GLY A 174 -9.08 20.80 -2.53
C GLY A 174 -10.39 21.54 -2.36
N SER B 1 -9.09 -4.37 25.04
CA SER B 1 -9.70 -4.81 23.76
C SER B 1 -8.63 -5.35 22.82
N PHE B 2 -8.89 -6.52 22.23
CA PHE B 2 -7.94 -7.13 21.31
C PHE B 2 -8.47 -7.10 19.88
N PHE B 3 -7.73 -6.45 18.99
CA PHE B 3 -8.13 -6.35 17.60
C PHE B 3 -7.12 -7.02 16.69
N LEU B 4 -7.61 -7.66 15.64
CA LEU B 4 -6.75 -8.34 14.69
C LEU B 4 -6.26 -7.35 13.63
N VAL B 5 -4.95 -7.28 13.44
CA VAL B 5 -4.36 -6.37 12.47
C VAL B 5 -3.32 -7.07 11.60
N LYS B 6 -3.13 -6.55 10.40
CA LYS B 6 -2.15 -7.10 9.47
C LYS B 6 -0.98 -6.13 9.33
N GLU B 7 0.21 -6.61 9.68
CA GLU B 7 1.41 -5.79 9.62
C GLU B 7 2.18 -6.00 8.31
N LYS B 8 3.17 -5.15 8.09
CA LYS B 8 4.01 -5.20 6.91
C LYS B 8 5.41 -4.72 7.27
N MET B 9 6.42 -5.20 6.57
CA MET B 9 7.80 -4.82 6.88
C MET B 9 8.51 -4.25 5.65
N LYS B 10 9.37 -3.26 5.89
CA LYS B 10 10.13 -2.63 4.80
C LYS B 10 11.13 -3.62 4.21
N GLY B 11 10.75 -4.22 3.08
CA GLY B 11 11.60 -5.17 2.41
C GLY B 11 10.78 -6.28 1.79
N LYS B 12 10.05 -6.99 2.62
CA LYS B 12 9.19 -8.06 2.15
C LYS B 12 7.75 -7.59 2.18
N ASN B 13 7.28 -7.14 1.03
CA ASN B 13 5.92 -6.63 0.90
C ASN B 13 4.88 -7.74 1.03
N LYS B 14 4.50 -8.01 2.27
CA LYS B 14 3.50 -9.03 2.57
C LYS B 14 2.89 -8.73 3.94
N LEU B 15 1.62 -9.09 4.11
CA LEU B 15 0.93 -8.83 5.36
C LEU B 15 1.05 -10.00 6.32
N VAL B 16 1.40 -9.70 7.56
CA VAL B 16 1.54 -10.71 8.60
C VAL B 16 0.56 -10.43 9.75
N PRO B 17 -0.10 -11.48 10.27
CA PRO B 17 -1.07 -11.34 11.36
C PRO B 17 -0.43 -11.01 12.71
N ARG B 18 -0.95 -9.97 13.35
CA ARG B 18 -0.45 -9.53 14.66
C ARG B 18 -1.64 -9.22 15.56
N LEU B 19 -1.39 -9.11 16.87
CA LEU B 19 -2.45 -8.82 17.83
C LEU B 19 -2.26 -7.44 18.44
N LEU B 20 -3.28 -6.60 18.34
CA LEU B 20 -3.22 -5.26 18.89
C LEU B 20 -3.99 -5.17 20.20
N GLY B 21 -3.28 -4.85 21.27
CA GLY B 21 -3.91 -4.74 22.58
C GLY B 21 -4.19 -3.30 22.93
N ILE B 22 -5.45 -2.91 22.82
CA ILE B 22 -5.86 -1.55 23.13
C ILE B 22 -6.43 -1.46 24.54
N THR B 23 -5.87 -0.57 25.35
CA THR B 23 -6.34 -0.37 26.71
C THR B 23 -6.84 1.06 26.85
N LYS B 24 -7.06 1.48 28.09
CA LYS B 24 -7.53 2.84 28.35
C LYS B 24 -6.36 3.77 28.66
N GLU B 25 -5.15 3.31 28.41
CA GLU B 25 -3.96 4.11 28.66
C GLU B 25 -2.93 3.99 27.54
N SER B 26 -2.56 2.76 27.20
CA SER B 26 -1.57 2.54 26.16
C SER B 26 -1.97 1.44 25.18
N VAL B 27 -1.66 1.65 23.91
CA VAL B 27 -1.94 0.66 22.88
C VAL B 27 -0.68 -0.19 22.69
N MET B 28 -0.75 -1.43 23.14
CA MET B 28 0.41 -2.31 23.04
C MET B 28 0.39 -3.22 21.82
N ARG B 29 1.49 -3.20 21.08
CA ARG B 29 1.65 -4.02 19.89
C ARG B 29 2.24 -5.36 20.33
N VAL B 30 1.38 -6.37 20.44
CA VAL B 30 1.83 -7.68 20.90
C VAL B 30 1.97 -8.65 19.74
N ASP B 31 3.09 -9.36 19.72
CA ASP B 31 3.36 -10.34 18.69
C ASP B 31 2.63 -11.65 19.01
N GLU B 32 2.17 -12.35 17.99
CA GLU B 32 1.45 -13.60 18.18
C GLU B 32 2.39 -14.80 18.15
N LYS B 33 3.57 -14.61 17.59
CA LYS B 33 4.55 -15.69 17.49
C LYS B 33 5.28 -15.89 18.81
N THR B 34 5.92 -14.84 19.29
CA THR B 34 6.68 -14.90 20.53
C THR B 34 5.82 -14.48 21.72
N LYS B 35 4.64 -13.90 21.43
CA LYS B 35 3.72 -13.45 22.46
C LYS B 35 4.38 -12.43 23.40
N GLU B 36 4.98 -11.41 22.81
CA GLU B 36 5.65 -10.37 23.58
C GLU B 36 5.26 -8.98 23.08
N VAL B 37 5.33 -8.00 23.96
CA VAL B 37 5.00 -6.63 23.60
C VAL B 37 6.19 -5.97 22.92
N ILE B 38 6.04 -5.68 21.65
CA ILE B 38 7.10 -5.05 20.88
C ILE B 38 7.27 -3.59 21.29
N GLN B 39 6.15 -2.88 21.41
CA GLN B 39 6.17 -1.48 21.80
C GLN B 39 4.73 -1.00 22.04
N GLU B 40 4.57 -0.02 22.93
CA GLU B 40 3.24 0.52 23.20
C GLU B 40 3.20 2.02 22.95
N TRP B 41 2.02 2.53 22.65
CA TRP B 41 1.83 3.95 22.38
C TRP B 41 0.93 4.57 23.43
N SER B 42 1.31 5.75 23.90
CA SER B 42 0.53 6.48 24.89
C SER B 42 -0.74 7.06 24.27
N LEU B 43 -1.83 7.03 25.02
CA LEU B 43 -3.11 7.55 24.52
C LEU B 43 -3.02 9.05 24.24
N THR B 44 -2.48 9.80 25.19
CA THR B 44 -2.32 11.24 25.05
C THR B 44 -1.13 11.61 24.16
N ASN B 45 -0.94 10.85 23.10
CA ASN B 45 0.16 11.08 22.17
C ASN B 45 -0.34 11.02 20.73
N ILE B 46 -1.56 10.51 20.55
CA ILE B 46 -2.16 10.38 19.23
C ILE B 46 -2.50 11.77 18.67
N LYS B 47 -2.16 11.99 17.42
CA LYS B 47 -2.41 13.27 16.78
C LYS B 47 -3.62 13.20 15.85
N ARG B 48 -3.56 12.28 14.88
CA ARG B 48 -4.65 12.12 13.93
C ARG B 48 -4.68 10.68 13.43
N TRP B 49 -5.79 10.28 12.83
CA TRP B 49 -5.92 8.93 12.32
C TRP B 49 -6.69 8.90 11.01
N ALA B 50 -6.28 7.99 10.13
CA ALA B 50 -6.92 7.83 8.85
C ALA B 50 -7.70 6.52 8.83
N ALA B 51 -9.00 6.61 8.99
CA ALA B 51 -9.84 5.43 9.02
C ALA B 51 -10.40 5.08 7.64
N SER B 52 -9.72 4.19 6.96
CA SER B 52 -10.14 3.73 5.65
C SER B 52 -10.86 2.39 5.83
N PRO B 53 -11.58 1.90 4.79
CA PRO B 53 -12.31 0.63 4.86
C PRO B 53 -11.43 -0.55 5.28
N LYS B 54 -10.18 -0.56 4.82
CA LYS B 54 -9.26 -1.63 5.16
C LYS B 54 -8.00 -1.12 5.87
N SER B 55 -7.31 -0.17 5.24
CA SER B 55 -6.09 0.37 5.82
C SER B 55 -6.37 1.39 6.94
N PHE B 56 -5.58 1.30 8.00
CA PHE B 56 -5.73 2.21 9.12
C PHE B 56 -4.39 2.91 9.39
N THR B 57 -4.29 4.15 8.97
CA THR B 57 -3.08 4.94 9.15
C THR B 57 -3.12 5.68 10.48
N LEU B 58 -2.13 5.44 11.34
CA LEU B 58 -2.07 6.11 12.63
C LEU B 58 -0.94 7.14 12.66
N ASP B 59 -1.27 8.35 13.10
CA ASP B 59 -0.29 9.43 13.18
C ASP B 59 -0.19 9.90 14.63
N PHE B 60 1.03 9.98 15.14
CA PHE B 60 1.25 10.40 16.52
C PHE B 60 2.09 11.66 16.58
N GLY B 61 2.17 12.25 17.76
CA GLY B 61 2.95 13.46 17.94
C GLY B 61 4.43 13.18 18.14
N ASP B 62 5.05 13.89 19.06
CA ASP B 62 6.46 13.71 19.34
C ASP B 62 6.68 12.49 20.22
N TYR B 63 6.82 11.34 19.58
CA TYR B 63 7.04 10.07 20.28
C TYR B 63 7.47 8.98 19.31
N GLN B 64 6.81 8.94 18.16
CA GLN B 64 7.13 7.93 17.14
C GLN B 64 8.14 8.47 16.15
N ASP B 65 8.99 7.57 15.64
CA ASP B 65 10.01 7.96 14.67
C ASP B 65 9.41 8.18 13.29
N GLY B 66 8.71 7.18 12.78
CA GLY B 66 8.10 7.30 11.47
C GLY B 66 6.59 7.16 11.50
N TYR B 67 6.07 6.25 10.69
CA TYR B 67 4.63 6.03 10.62
C TYR B 67 4.28 4.58 10.90
N TYR B 68 3.01 4.34 11.22
CA TYR B 68 2.53 3.00 11.50
C TYR B 68 1.16 2.80 10.88
N SER B 69 1.12 2.12 9.75
CA SER B 69 -0.12 1.85 9.05
C SER B 69 -0.34 0.36 8.90
N VAL B 70 -1.49 -0.11 9.38
CA VAL B 70 -1.82 -1.53 9.31
C VAL B 70 -3.21 -1.72 8.72
N GLN B 71 -3.57 -2.96 8.42
CA GLN B 71 -4.88 -3.25 7.86
C GLN B 71 -5.76 -3.93 8.91
N THR B 72 -6.97 -3.43 9.06
CA THR B 72 -7.91 -3.99 10.02
C THR B 72 -9.35 -3.72 9.58
N THR B 73 -10.21 -4.70 9.82
CA THR B 73 -11.60 -4.61 9.43
C THR B 73 -12.40 -3.69 10.35
N GLU B 74 -11.95 -3.53 11.58
CA GLU B 74 -12.67 -2.70 12.55
C GLU B 74 -11.97 -1.37 12.81
N GLY B 75 -11.47 -0.76 11.74
CA GLY B 75 -10.79 0.53 11.87
C GLY B 75 -11.70 1.60 12.44
N GLU B 76 -12.95 1.61 12.01
CA GLU B 76 -13.94 2.58 12.48
C GLU B 76 -14.22 2.40 13.97
N GLN B 77 -14.31 1.14 14.40
CA GLN B 77 -14.58 0.83 15.80
C GLN B 77 -13.44 1.32 16.68
N ILE B 78 -12.21 1.11 16.23
CA ILE B 78 -11.03 1.52 16.97
C ILE B 78 -11.01 3.05 17.14
N ALA B 79 -11.27 3.76 16.05
CA ALA B 79 -11.28 5.22 16.07
C ALA B 79 -12.31 5.75 17.09
N GLN B 80 -13.51 5.18 17.05
CA GLN B 80 -14.56 5.60 17.97
C GLN B 80 -14.18 5.26 19.41
N LEU B 81 -13.56 4.10 19.60
CA LEU B 81 -13.13 3.66 20.93
C LEU B 81 -12.12 4.66 21.50
N ILE B 82 -11.15 5.06 20.70
CA ILE B 82 -10.14 6.00 21.12
C ILE B 82 -10.78 7.34 21.49
N ALA B 83 -11.67 7.82 20.63
CA ALA B 83 -12.35 9.08 20.85
C ALA B 83 -13.16 9.06 22.14
N GLY B 84 -13.71 7.90 22.46
CA GLY B 84 -14.50 7.75 23.67
C GLY B 84 -13.65 7.85 24.92
N TYR B 85 -12.42 7.35 24.84
CA TYR B 85 -11.50 7.39 25.98
C TYR B 85 -11.01 8.81 26.23
N ILE B 86 -10.92 9.59 25.17
CA ILE B 86 -10.49 10.98 25.28
C ILE B 86 -11.50 11.77 26.11
N ASP B 87 -12.76 11.36 26.02
CA ASP B 87 -13.85 12.00 26.74
C ASP B 87 -13.66 11.83 28.25
N ILE B 88 -13.00 10.74 28.64
CA ILE B 88 -12.75 10.47 30.06
C ILE B 88 -11.71 11.45 30.59
N ILE B 89 -10.72 11.75 29.76
CA ILE B 89 -9.65 12.68 30.13
C ILE B 89 -10.21 14.10 30.22
N LEU B 90 -11.12 14.41 29.32
CA LEU B 90 -11.74 15.72 29.27
C LEU B 90 -13.16 15.66 29.84
N LYS B 91 -13.28 15.13 31.05
CA LYS B 91 -14.57 15.00 31.70
C LYS B 91 -14.63 15.89 32.93
#